data_2DWZ
#
_entry.id   2DWZ
#
_cell.length_a   41.991
_cell.length_b   92.319
_cell.length_c   167.191
_cell.angle_alpha   90.00
_cell.angle_beta   90.00
_cell.angle_gamma   90.00
#
_symmetry.space_group_name_H-M   'P 21 21 21'
#
loop_
_entity.id
_entity.type
_entity.pdbx_description
1 polymer '26S proteasome non-ATPase regulatory subunit 10'
2 polymer '26S protease regulatory subunit 6B'
3 non-polymer '4-(2-HYDROXYETHYL)-1-PIPERAZINE ETHANESULFONIC ACID'
4 water water
#
loop_
_entity_poly.entity_id
_entity_poly.type
_entity_poly.pdbx_seq_one_letter_code
_entity_poly.pdbx_strand_id
1 'polypeptide(L)'
;MEGCVSNIMICNLAYSGKLDELKERILADKSLATRTDQDSRTALHWACSAGHTEIVEFLLQLGVPVNDKDDAGWSPLHIA
ASAGRDEIVKALLVKGAHVNAVNQNGCTPLHYAASKNRHEIAVMLLEGGANPDAKDHYDATAMHRAAAKGNLKMVHILLF
YKASTNIQDTEGNTPLHLACDEERVEEAKFLVTQGASIYIENKEEKTPLQVAKGGLGLILKRLAEGEEASM
;
A,C
2 'polypeptide(L)'
;MDRRQKRLIFSTITSKMNLSEEVDLEDYVARPDKISGADINSICQESGMLAVRENRYIVLAKDFEKAYKTVIKKDEQEHE
FYK
;
B,D
#
loop_
_chem_comp.id
_chem_comp.type
_chem_comp.name
_chem_comp.formula
EPE non-polymer '4-(2-HYDROXYETHYL)-1-PIPERAZINE ETHANESULFONIC ACID' 'C8 H18 N2 O4 S'
#
# COMPACT_ATOMS: atom_id res chain seq x y z
N CYS A 4 -20.57 -3.51 -34.12
CA CYS A 4 -20.75 -4.64 -33.16
C CYS A 4 -19.43 -5.39 -32.92
N VAL A 5 -19.30 -5.98 -31.74
CA VAL A 5 -18.10 -6.70 -31.37
C VAL A 5 -18.30 -8.20 -31.29
N SER A 6 -19.55 -8.65 -31.33
CA SER A 6 -19.81 -10.08 -31.22
C SER A 6 -20.86 -10.57 -32.20
N ASN A 7 -20.93 -11.89 -32.38
CA ASN A 7 -21.91 -12.50 -33.26
C ASN A 7 -23.17 -12.84 -32.46
N ILE A 8 -23.10 -12.66 -31.14
CA ILE A 8 -24.23 -12.95 -30.25
C ILE A 8 -24.80 -11.63 -29.73
N MET A 9 -26.08 -11.38 -29.98
CA MET A 9 -26.70 -10.13 -29.56
C MET A 9 -26.49 -9.73 -28.11
N ILE A 10 -26.66 -10.66 -27.18
CA ILE A 10 -26.49 -10.33 -25.78
C ILE A 10 -25.08 -9.79 -25.50
N CYS A 11 -24.08 -10.37 -26.15
CA CYS A 11 -22.71 -9.91 -25.95
C CYS A 11 -22.53 -8.50 -26.45
N ASN A 12 -23.16 -8.17 -27.57
CA ASN A 12 -23.04 -6.82 -28.10
C ASN A 12 -23.68 -5.80 -27.17
N LEU A 13 -24.80 -6.18 -26.55
CA LEU A 13 -25.51 -5.28 -25.64
C LEU A 13 -24.69 -5.05 -24.37
N ALA A 14 -23.91 -6.06 -23.98
CA ALA A 14 -23.08 -5.96 -22.79
C ALA A 14 -21.96 -4.97 -23.05
N TYR A 15 -21.30 -5.10 -24.20
CA TYR A 15 -20.22 -4.19 -24.55
C TYR A 15 -20.78 -2.76 -24.69
N SER A 16 -21.88 -2.64 -25.42
CA SER A 16 -22.54 -1.36 -25.65
C SER A 16 -23.15 -0.77 -24.37
N GLY A 17 -23.16 -1.55 -23.30
CA GLY A 17 -23.70 -1.05 -22.04
C GLY A 17 -25.22 -0.86 -21.94
N LYS A 18 -25.97 -1.52 -22.80
CA LYS A 18 -27.42 -1.38 -22.76
C LYS A 18 -27.97 -2.26 -21.64
N LEU A 19 -27.82 -1.79 -20.40
CA LEU A 19 -28.27 -2.53 -19.22
C LEU A 19 -29.74 -2.95 -19.22
N ASP A 20 -30.65 -2.02 -19.51
CA ASP A 20 -32.07 -2.32 -19.50
C ASP A 20 -32.45 -3.40 -20.50
N GLU A 21 -32.11 -3.20 -21.76
CA GLU A 21 -32.44 -4.20 -22.76
C GLU A 21 -31.77 -5.54 -22.41
N LEU A 22 -30.56 -5.48 -21.88
CA LEU A 22 -29.84 -6.70 -21.53
C LEU A 22 -30.58 -7.47 -20.44
N LYS A 23 -31.11 -6.74 -19.45
CA LYS A 23 -31.82 -7.38 -18.37
C LYS A 23 -33.13 -7.99 -18.83
N GLU A 24 -33.87 -7.26 -19.66
CA GLU A 24 -35.15 -7.77 -20.15
C GLU A 24 -34.97 -9.07 -20.94
N ARG A 25 -33.91 -9.14 -21.75
CA ARG A 25 -33.65 -10.32 -22.56
C ARG A 25 -33.15 -11.51 -21.78
N ILE A 26 -32.35 -11.28 -20.74
CA ILE A 26 -31.83 -12.38 -19.94
C ILE A 26 -32.93 -12.95 -19.06
N LEU A 27 -33.75 -12.08 -18.47
CA LEU A 27 -34.85 -12.52 -17.63
C LEU A 27 -35.90 -13.19 -18.52
N ALA A 28 -35.90 -12.85 -19.80
CA ALA A 28 -36.84 -13.45 -20.74
C ALA A 28 -36.30 -14.81 -21.18
N ASP A 29 -35.01 -15.01 -20.98
CA ASP A 29 -34.34 -16.26 -21.33
C ASP A 29 -33.00 -16.34 -20.62
N LYS A 30 -33.03 -16.86 -19.39
CA LYS A 30 -31.86 -17.00 -18.55
C LYS A 30 -30.62 -17.59 -19.19
N SER A 31 -30.80 -18.42 -20.21
CA SER A 31 -29.65 -19.03 -20.87
C SER A 31 -28.74 -17.99 -21.52
N LEU A 32 -29.32 -16.89 -21.99
CA LEU A 32 -28.53 -15.83 -22.63
C LEU A 32 -27.45 -15.26 -21.71
N ALA A 33 -27.62 -15.42 -20.41
CA ALA A 33 -26.66 -14.91 -19.43
C ALA A 33 -25.32 -15.63 -19.49
N THR A 34 -25.32 -16.83 -20.06
CA THR A 34 -24.08 -17.59 -20.17
C THR A 34 -23.82 -18.10 -21.58
N ARG A 35 -24.61 -17.62 -22.54
CA ARG A 35 -24.39 -18.04 -23.91
C ARG A 35 -23.03 -17.53 -24.37
N THR A 36 -22.32 -18.34 -25.14
CA THR A 36 -20.99 -17.98 -25.62
C THR A 36 -20.95 -17.56 -27.09
N ASP A 37 -20.01 -16.69 -27.43
CA ASP A 37 -19.89 -16.24 -28.80
C ASP A 37 -18.71 -16.94 -29.47
N GLN A 38 -18.28 -16.39 -30.60
CA GLN A 38 -17.20 -16.97 -31.37
C GLN A 38 -15.83 -16.84 -30.72
N ASP A 39 -15.77 -16.10 -29.61
CA ASP A 39 -14.51 -15.91 -28.90
C ASP A 39 -14.61 -16.58 -27.55
N SER A 40 -15.66 -17.38 -27.41
CA SER A 40 -15.94 -18.09 -26.18
C SER A 40 -16.16 -17.09 -25.06
N ARG A 41 -16.77 -15.96 -25.41
CA ARG A 41 -17.07 -14.93 -24.44
C ARG A 41 -18.57 -14.84 -24.16
N THR A 42 -18.92 -14.40 -22.97
CA THR A 42 -20.33 -14.23 -22.59
C THR A 42 -20.49 -12.75 -22.29
N ALA A 43 -21.71 -12.33 -21.95
CA ALA A 43 -21.94 -10.92 -21.64
C ALA A 43 -20.99 -10.43 -20.54
N LEU A 44 -20.56 -11.32 -19.64
CA LEU A 44 -19.67 -10.91 -18.58
C LEU A 44 -18.34 -10.39 -19.12
N HIS A 45 -17.73 -11.12 -20.05
CA HIS A 45 -16.43 -10.70 -20.60
C HIS A 45 -16.54 -9.33 -21.24
N TRP A 46 -17.51 -9.17 -22.13
CA TRP A 46 -17.67 -7.91 -22.83
C TRP A 46 -18.03 -6.75 -21.91
N ALA A 47 -18.90 -7.00 -20.93
CA ALA A 47 -19.26 -5.96 -19.98
C ALA A 47 -18.00 -5.56 -19.22
N CYS A 48 -17.15 -6.54 -18.93
CA CYS A 48 -15.92 -6.24 -18.22
C CYS A 48 -15.00 -5.40 -19.11
N SER A 49 -14.83 -5.81 -20.36
CA SER A 49 -13.97 -5.06 -21.28
C SER A 49 -14.41 -3.60 -21.39
N ALA A 50 -15.70 -3.41 -21.65
CA ALA A 50 -16.25 -2.07 -21.77
C ALA A 50 -16.26 -1.31 -20.44
N GLY A 51 -16.25 -2.04 -19.32
CA GLY A 51 -16.24 -1.39 -18.03
C GLY A 51 -17.60 -1.01 -17.48
N HIS A 52 -18.65 -1.67 -17.97
CA HIS A 52 -20.00 -1.38 -17.48
C HIS A 52 -20.25 -2.15 -16.20
N THR A 53 -19.88 -1.51 -15.09
CA THR A 53 -20.03 -2.06 -13.75
C THR A 53 -21.43 -2.60 -13.49
N GLU A 54 -22.42 -1.79 -13.78
CA GLU A 54 -23.81 -2.16 -13.56
C GLU A 54 -24.14 -3.55 -14.13
N ILE A 55 -23.90 -3.71 -15.42
CA ILE A 55 -24.17 -4.97 -16.09
C ILE A 55 -23.44 -6.13 -15.43
N VAL A 56 -22.21 -5.89 -14.98
CA VAL A 56 -21.44 -6.94 -14.31
C VAL A 56 -22.11 -7.33 -12.99
N GLU A 57 -22.52 -6.33 -12.21
CA GLU A 57 -23.16 -6.62 -10.95
C GLU A 57 -24.44 -7.41 -11.18
N PHE A 58 -25.24 -6.99 -12.16
CA PHE A 58 -26.49 -7.69 -12.46
C PHE A 58 -26.21 -9.16 -12.77
N LEU A 59 -25.19 -9.40 -13.59
CA LEU A 59 -24.82 -10.75 -13.97
C LEU A 59 -24.31 -11.58 -12.80
N LEU A 60 -23.54 -10.95 -11.91
CA LEU A 60 -23.02 -11.67 -10.75
C LEU A 60 -24.10 -12.08 -9.77
N GLN A 61 -25.02 -11.17 -9.45
CA GLN A 61 -26.09 -11.48 -8.52
C GLN A 61 -26.99 -12.55 -9.16
N LEU A 62 -26.86 -12.70 -10.46
CA LEU A 62 -27.65 -13.70 -11.19
C LEU A 62 -27.00 -15.08 -11.00
N GLY A 63 -25.77 -15.08 -10.45
CA GLY A 63 -25.07 -16.32 -10.20
C GLY A 63 -24.29 -16.93 -11.36
N VAL A 64 -24.01 -16.14 -12.40
CA VAL A 64 -23.26 -16.65 -13.54
C VAL A 64 -21.84 -17.01 -13.13
N PRO A 65 -21.18 -17.90 -13.88
CA PRO A 65 -19.80 -18.28 -13.55
C PRO A 65 -18.88 -17.07 -13.74
N VAL A 66 -17.89 -16.90 -12.87
CA VAL A 66 -16.99 -15.76 -12.96
C VAL A 66 -15.54 -16.09 -13.32
N ASN A 67 -15.24 -17.34 -13.62
CA ASN A 67 -13.86 -17.72 -13.94
C ASN A 67 -13.61 -18.33 -15.31
N ASP A 68 -14.64 -18.43 -16.13
CA ASP A 68 -14.46 -19.02 -17.46
C ASP A 68 -13.58 -18.14 -18.35
N LYS A 69 -12.64 -18.75 -19.06
CA LYS A 69 -11.74 -18.02 -19.93
C LYS A 69 -12.22 -18.04 -21.38
N ASP A 70 -11.91 -17.00 -22.13
CA ASP A 70 -12.31 -16.98 -23.54
C ASP A 70 -11.31 -17.84 -24.32
N ASP A 71 -11.41 -17.85 -25.64
CA ASP A 71 -10.50 -18.68 -26.42
C ASP A 71 -9.06 -18.20 -26.36
N ALA A 72 -8.82 -17.06 -25.71
CA ALA A 72 -7.47 -16.54 -25.59
C ALA A 72 -6.94 -16.80 -24.18
N GLY A 73 -7.73 -17.50 -23.38
CA GLY A 73 -7.33 -17.81 -22.03
C GLY A 73 -7.61 -16.71 -21.02
N TRP A 74 -8.19 -15.61 -21.49
CA TRP A 74 -8.51 -14.50 -20.60
C TRP A 74 -9.78 -14.75 -19.78
N SER A 75 -9.69 -14.47 -18.49
CA SER A 75 -10.84 -14.62 -17.61
C SER A 75 -11.39 -13.21 -17.40
N PRO A 76 -12.58 -13.09 -16.80
CA PRO A 76 -13.17 -11.78 -16.55
C PRO A 76 -12.23 -10.88 -15.73
N LEU A 77 -11.49 -11.49 -14.79
CA LEU A 77 -10.55 -10.74 -13.95
C LEU A 77 -9.38 -10.17 -14.76
N HIS A 78 -8.87 -10.94 -15.72
CA HIS A 78 -7.78 -10.48 -16.57
C HIS A 78 -8.23 -9.24 -17.32
N ILE A 79 -9.39 -9.38 -17.97
CA ILE A 79 -9.94 -8.29 -18.75
C ILE A 79 -10.13 -7.05 -17.88
N ALA A 80 -10.88 -7.21 -16.79
CA ALA A 80 -11.16 -6.10 -15.89
C ALA A 80 -9.90 -5.41 -15.41
N ALA A 81 -8.91 -6.20 -15.02
CA ALA A 81 -7.65 -5.69 -14.52
C ALA A 81 -6.88 -4.92 -15.58
N SER A 82 -6.76 -5.49 -16.77
CA SER A 82 -6.03 -4.85 -17.85
C SER A 82 -6.73 -3.60 -18.34
N ALA A 83 -8.07 -3.62 -18.34
CA ALA A 83 -8.84 -2.48 -18.80
C ALA A 83 -8.98 -1.40 -17.75
N GLY A 84 -8.45 -1.66 -16.55
CA GLY A 84 -8.52 -0.67 -15.49
C GLY A 84 -9.91 -0.38 -14.97
N ARG A 85 -10.69 -1.43 -14.73
CA ARG A 85 -12.04 -1.27 -14.22
C ARG A 85 -12.02 -1.62 -12.73
N ASP A 86 -11.43 -0.74 -11.93
CA ASP A 86 -11.30 -0.93 -10.49
C ASP A 86 -12.54 -1.51 -9.81
N GLU A 87 -13.68 -0.86 -10.03
CA GLU A 87 -14.93 -1.28 -9.42
C GLU A 87 -15.29 -2.73 -9.72
N ILE A 88 -15.18 -3.10 -11.00
CA ILE A 88 -15.49 -4.45 -11.44
C ILE A 88 -14.51 -5.49 -10.91
N VAL A 89 -13.24 -5.12 -10.80
CA VAL A 89 -12.23 -6.03 -10.27
C VAL A 89 -12.51 -6.36 -8.80
N LYS A 90 -12.97 -5.38 -8.03
CA LYS A 90 -13.28 -5.58 -6.62
C LYS A 90 -14.49 -6.52 -6.47
N ALA A 91 -15.50 -6.28 -7.30
CA ALA A 91 -16.71 -7.09 -7.28
C ALA A 91 -16.42 -8.54 -7.68
N LEU A 92 -15.53 -8.73 -8.66
CA LEU A 92 -15.17 -10.06 -9.12
C LEU A 92 -14.46 -10.83 -8.03
N LEU A 93 -13.53 -10.16 -7.35
CA LEU A 93 -12.77 -10.77 -6.28
C LEU A 93 -13.72 -11.27 -5.21
N VAL A 94 -14.73 -10.46 -4.89
CA VAL A 94 -15.73 -10.83 -3.89
C VAL A 94 -16.40 -12.16 -4.26
N LYS A 95 -16.75 -12.32 -5.54
CA LYS A 95 -17.40 -13.53 -6.02
C LYS A 95 -16.42 -14.67 -6.24
N GLY A 96 -15.20 -14.54 -5.72
CA GLY A 96 -14.22 -15.60 -5.86
C GLY A 96 -13.42 -15.69 -7.14
N ALA A 97 -13.21 -14.58 -7.84
CA ALA A 97 -12.43 -14.65 -9.08
C ALA A 97 -11.04 -15.20 -8.76
N HIS A 98 -10.55 -16.13 -9.59
CA HIS A 98 -9.22 -16.70 -9.37
C HIS A 98 -8.14 -15.65 -9.65
N VAL A 99 -7.49 -15.17 -8.60
CA VAL A 99 -6.46 -14.15 -8.74
C VAL A 99 -5.17 -14.60 -9.42
N ASN A 100 -4.92 -15.90 -9.44
CA ASN A 100 -3.70 -16.37 -10.07
C ASN A 100 -3.91 -17.18 -11.34
N ALA A 101 -5.08 -17.01 -11.94
CA ALA A 101 -5.40 -17.70 -13.18
C ALA A 101 -4.51 -17.12 -14.28
N VAL A 102 -4.08 -17.96 -15.22
CA VAL A 102 -3.22 -17.50 -16.31
C VAL A 102 -3.89 -17.63 -17.67
N ASN A 103 -3.57 -16.74 -18.60
CA ASN A 103 -4.14 -16.83 -19.94
C ASN A 103 -3.20 -17.57 -20.89
N GLN A 104 -3.46 -17.49 -22.20
CA GLN A 104 -2.63 -18.21 -23.18
C GLN A 104 -1.14 -17.90 -23.18
N ASN A 105 -0.72 -16.73 -22.71
CA ASN A 105 0.72 -16.50 -22.71
C ASN A 105 1.32 -16.59 -21.31
N GLY A 106 0.53 -17.14 -20.39
CA GLY A 106 1.02 -17.33 -19.03
C GLY A 106 0.86 -16.19 -18.06
N CYS A 107 0.16 -15.13 -18.47
CA CYS A 107 -0.03 -13.99 -17.58
C CYS A 107 -1.19 -14.09 -16.60
N THR A 108 -1.04 -13.44 -15.45
CA THR A 108 -2.10 -13.38 -14.45
C THR A 108 -2.56 -11.93 -14.49
N PRO A 109 -3.74 -11.64 -13.93
CA PRO A 109 -4.23 -10.26 -13.93
C PRO A 109 -3.18 -9.25 -13.44
N LEU A 110 -2.40 -9.64 -12.42
CA LEU A 110 -1.38 -8.75 -11.88
C LEU A 110 -0.39 -8.29 -12.95
N HIS A 111 -0.09 -9.15 -13.91
CA HIS A 111 0.85 -8.80 -14.97
C HIS A 111 0.39 -7.54 -15.69
N TYR A 112 -0.88 -7.53 -16.09
CA TYR A 112 -1.42 -6.41 -16.82
C TYR A 112 -1.57 -5.19 -15.95
N ALA A 113 -1.99 -5.39 -14.71
CA ALA A 113 -2.17 -4.28 -13.79
C ALA A 113 -0.84 -3.55 -13.55
N ALA A 114 0.23 -4.32 -13.40
CA ALA A 114 1.55 -3.74 -13.16
C ALA A 114 2.06 -3.10 -14.44
N SER A 115 1.80 -3.74 -15.56
CA SER A 115 2.22 -3.26 -16.87
C SER A 115 1.66 -1.88 -17.17
N LYS A 116 0.35 -1.74 -17.02
CA LYS A 116 -0.31 -0.49 -17.31
C LYS A 116 -0.30 0.45 -16.12
N ASN A 117 0.56 0.15 -15.15
CA ASN A 117 0.74 0.95 -13.95
C ASN A 117 -0.57 1.26 -13.19
N ARG A 118 -1.38 0.23 -12.97
CA ARG A 118 -2.65 0.38 -12.26
C ARG A 118 -2.51 0.03 -10.79
N HIS A 119 -2.06 1.02 -10.02
CA HIS A 119 -1.85 0.86 -8.59
C HIS A 119 -2.96 0.20 -7.80
N GLU A 120 -4.14 0.83 -7.77
CA GLU A 120 -5.26 0.30 -7.01
C GLU A 120 -5.64 -1.12 -7.40
N ILE A 121 -5.68 -1.41 -8.70
CA ILE A 121 -6.03 -2.75 -9.15
C ILE A 121 -4.93 -3.71 -8.71
N ALA A 122 -3.69 -3.26 -8.78
CA ALA A 122 -2.58 -4.09 -8.35
C ALA A 122 -2.80 -4.45 -6.88
N VAL A 123 -2.94 -3.43 -6.05
CA VAL A 123 -3.15 -3.64 -4.62
C VAL A 123 -4.34 -4.59 -4.37
N MET A 124 -5.48 -4.31 -5.01
CA MET A 124 -6.64 -5.18 -4.84
C MET A 124 -6.25 -6.64 -5.10
N LEU A 125 -5.51 -6.87 -6.19
CA LEU A 125 -5.09 -8.21 -6.57
C LEU A 125 -4.15 -8.86 -5.56
N LEU A 126 -3.15 -8.10 -5.14
CA LEU A 126 -2.18 -8.62 -4.17
C LEU A 126 -2.84 -8.91 -2.83
N GLU A 127 -3.71 -8.02 -2.39
CA GLU A 127 -4.42 -8.20 -1.11
C GLU A 127 -5.30 -9.44 -1.21
N GLY A 128 -5.68 -9.81 -2.42
CA GLY A 128 -6.55 -10.97 -2.62
C GLY A 128 -5.81 -12.27 -2.85
N GLY A 129 -4.51 -12.26 -2.58
CA GLY A 129 -3.72 -13.47 -2.75
C GLY A 129 -2.99 -13.70 -4.05
N ALA A 130 -2.72 -12.65 -4.83
CA ALA A 130 -2.00 -12.85 -6.08
C ALA A 130 -0.55 -13.12 -5.74
N ASN A 131 0.06 -14.02 -6.51
CA ASN A 131 1.46 -14.34 -6.35
C ASN A 131 2.31 -13.27 -7.03
N PRO A 132 3.02 -12.45 -6.25
CA PRO A 132 3.86 -11.38 -6.84
C PRO A 132 4.94 -11.89 -7.79
N ASP A 133 5.29 -13.16 -7.65
CA ASP A 133 6.32 -13.74 -8.50
C ASP A 133 5.80 -14.59 -9.67
N ALA A 134 4.50 -14.51 -9.94
CA ALA A 134 3.90 -15.26 -11.03
C ALA A 134 4.68 -15.03 -12.34
N LYS A 135 5.15 -16.12 -12.95
CA LYS A 135 5.90 -16.03 -14.19
C LYS A 135 5.08 -16.48 -15.40
N ASP A 136 5.18 -15.74 -16.49
CA ASP A 136 4.46 -16.10 -17.70
C ASP A 136 5.30 -17.08 -18.52
N HIS A 137 4.78 -17.48 -19.68
CA HIS A 137 5.47 -18.43 -20.54
C HIS A 137 6.87 -18.00 -20.98
N TYR A 138 7.26 -16.79 -20.63
CA TYR A 138 8.59 -16.30 -20.99
C TYR A 138 9.32 -15.96 -19.70
N ASP A 139 8.83 -16.56 -18.62
CA ASP A 139 9.37 -16.37 -17.28
C ASP A 139 9.46 -14.91 -16.88
N ALA A 140 8.51 -14.11 -17.35
CA ALA A 140 8.48 -12.69 -17.01
C ALA A 140 7.46 -12.47 -15.90
N THR A 141 7.83 -11.64 -14.93
CA THR A 141 6.96 -11.35 -13.81
C THR A 141 6.37 -9.95 -13.95
N ALA A 142 5.47 -9.60 -13.04
CA ALA A 142 4.84 -8.30 -13.04
C ALA A 142 5.91 -7.20 -12.93
N MET A 143 6.94 -7.47 -12.14
CA MET A 143 8.00 -6.49 -11.95
C MET A 143 8.82 -6.23 -13.21
N HIS A 144 8.96 -7.23 -14.07
CA HIS A 144 9.71 -7.06 -15.31
C HIS A 144 8.99 -6.03 -16.18
N ARG A 145 7.69 -6.21 -16.32
CA ARG A 145 6.89 -5.30 -17.11
C ARG A 145 6.85 -3.90 -16.50
N ALA A 146 6.86 -3.81 -15.18
CA ALA A 146 6.84 -2.51 -14.54
C ALA A 146 8.21 -1.84 -14.65
N ALA A 147 9.27 -2.58 -14.32
CA ALA A 147 10.62 -2.03 -14.37
C ALA A 147 10.99 -1.59 -15.77
N ALA A 148 10.58 -2.37 -16.77
CA ALA A 148 10.89 -2.07 -18.16
C ALA A 148 10.36 -0.69 -18.58
N LYS A 149 9.14 -0.38 -18.18
CA LYS A 149 8.51 0.89 -18.54
C LYS A 149 8.74 2.03 -17.56
N GLY A 150 9.47 1.77 -16.49
CA GLY A 150 9.74 2.81 -15.53
C GLY A 150 8.65 3.02 -14.49
N ASN A 151 7.75 2.06 -14.34
CA ASN A 151 6.68 2.15 -13.34
C ASN A 151 7.28 2.01 -11.93
N LEU A 152 8.03 3.02 -11.52
CA LEU A 152 8.70 3.07 -10.22
C LEU A 152 7.80 2.82 -9.01
N LYS A 153 6.66 3.50 -8.96
CA LYS A 153 5.74 3.32 -7.84
C LYS A 153 5.18 1.90 -7.85
N MET A 154 4.94 1.36 -9.04
CA MET A 154 4.43 0.00 -9.17
C MET A 154 5.44 -0.98 -8.60
N VAL A 155 6.70 -0.77 -8.94
CA VAL A 155 7.77 -1.64 -8.42
C VAL A 155 7.72 -1.63 -6.90
N HIS A 156 7.56 -0.44 -6.33
CA HIS A 156 7.50 -0.27 -4.89
C HIS A 156 6.33 -1.09 -4.31
N ILE A 157 5.18 -0.99 -4.97
CA ILE A 157 4.01 -1.73 -4.55
C ILE A 157 4.32 -3.24 -4.53
N LEU A 158 4.94 -3.73 -5.60
CA LEU A 158 5.27 -5.15 -5.71
C LEU A 158 6.21 -5.59 -4.58
N LEU A 159 7.16 -4.72 -4.24
CA LEU A 159 8.10 -5.01 -3.17
C LEU A 159 7.36 -5.18 -1.85
N PHE A 160 6.43 -4.28 -1.54
CA PHE A 160 5.67 -4.39 -0.30
C PHE A 160 5.05 -5.77 -0.13
N TYR A 161 4.69 -6.40 -1.25
CA TYR A 161 4.09 -7.72 -1.22
C TYR A 161 5.07 -8.85 -1.47
N LYS A 162 6.30 -8.63 -1.05
CA LYS A 162 7.39 -9.59 -1.13
C LYS A 162 7.82 -10.07 -2.51
N ALA A 163 7.69 -9.22 -3.51
CA ALA A 163 8.09 -9.58 -4.87
C ALA A 163 9.61 -9.75 -4.97
N SER A 164 10.06 -10.74 -5.73
CA SER A 164 11.50 -10.98 -5.91
C SER A 164 12.05 -10.03 -6.98
N THR A 165 13.31 -9.65 -6.85
CA THR A 165 13.94 -8.72 -7.80
C THR A 165 14.93 -9.41 -8.73
N ASN A 166 15.12 -10.71 -8.54
CA ASN A 166 16.09 -11.39 -9.38
C ASN A 166 15.62 -12.58 -10.19
N ILE A 167 14.32 -12.64 -10.45
CA ILE A 167 13.79 -13.72 -11.27
C ILE A 167 14.24 -13.41 -12.69
N GLN A 168 14.70 -14.43 -13.41
CA GLN A 168 15.16 -14.23 -14.78
C GLN A 168 14.17 -14.70 -15.85
N ASP A 169 14.01 -13.91 -16.91
CA ASP A 169 13.11 -14.31 -17.99
C ASP A 169 13.88 -15.21 -18.97
N THR A 170 13.22 -15.66 -20.03
CA THR A 170 13.87 -16.55 -20.98
C THR A 170 15.13 -16.00 -21.67
N GLU A 171 15.34 -14.69 -21.59
CA GLU A 171 16.52 -14.07 -22.19
C GLU A 171 17.59 -13.83 -21.13
N GLY A 172 17.30 -14.25 -19.90
CA GLY A 172 18.24 -14.09 -18.81
C GLY A 172 18.16 -12.76 -18.08
N ASN A 173 17.22 -11.91 -18.47
CA ASN A 173 17.09 -10.60 -17.84
C ASN A 173 16.27 -10.56 -16.56
N THR A 174 16.69 -9.70 -15.64
CA THR A 174 15.98 -9.49 -14.39
C THR A 174 15.37 -8.11 -14.51
N PRO A 175 14.38 -7.79 -13.66
CA PRO A 175 13.81 -6.45 -13.78
C PRO A 175 14.90 -5.36 -13.83
N LEU A 176 15.99 -5.58 -13.11
CA LEU A 176 17.08 -4.59 -13.13
C LEU A 176 17.65 -4.43 -14.55
N HIS A 177 17.85 -5.54 -15.24
CA HIS A 177 18.36 -5.51 -16.62
C HIS A 177 17.47 -4.59 -17.47
N LEU A 178 16.19 -4.93 -17.52
CA LEU A 178 15.22 -4.18 -18.28
C LEU A 178 15.28 -2.70 -17.91
N ALA A 179 15.30 -2.42 -16.61
CA ALA A 179 15.37 -1.06 -16.13
C ALA A 179 16.59 -0.34 -16.73
N CYS A 180 17.74 -1.01 -16.73
CA CYS A 180 18.95 -0.41 -17.27
C CYS A 180 18.85 -0.24 -18.77
N ASP A 181 18.43 -1.29 -19.47
CA ASP A 181 18.34 -1.21 -20.91
C ASP A 181 17.49 -0.02 -21.34
N GLU A 182 16.37 0.20 -20.65
CA GLU A 182 15.50 1.31 -21.02
C GLU A 182 15.83 2.59 -20.29
N GLU A 183 17.00 2.60 -19.66
CA GLU A 183 17.53 3.75 -18.94
C GLU A 183 16.60 4.35 -17.88
N ARG A 184 15.85 3.50 -17.19
CA ARG A 184 14.97 3.95 -16.12
C ARG A 184 15.92 4.17 -14.94
N VAL A 185 16.63 5.29 -14.98
CA VAL A 185 17.61 5.66 -13.98
C VAL A 185 17.13 5.52 -12.53
N GLU A 186 16.15 6.33 -12.14
CA GLU A 186 15.65 6.28 -10.77
C GLU A 186 15.24 4.86 -10.36
N GLU A 187 14.52 4.18 -11.24
CA GLU A 187 14.08 2.81 -10.97
C GLU A 187 15.25 1.90 -10.65
N ALA A 188 16.29 1.96 -11.48
CA ALA A 188 17.47 1.14 -11.32
C ALA A 188 18.10 1.30 -9.94
N LYS A 189 18.41 2.54 -9.57
CA LYS A 189 19.02 2.83 -8.28
C LYS A 189 18.16 2.27 -7.17
N PHE A 190 16.85 2.47 -7.30
CA PHE A 190 15.93 1.98 -6.31
C PHE A 190 16.02 0.45 -6.21
N LEU A 191 15.98 -0.21 -7.36
CA LEU A 191 16.07 -1.68 -7.40
C LEU A 191 17.30 -2.22 -6.67
N VAL A 192 18.48 -1.71 -7.00
CA VAL A 192 19.71 -2.15 -6.32
C VAL A 192 19.58 -1.88 -4.83
N THR A 193 18.95 -0.76 -4.51
CA THR A 193 18.72 -0.33 -3.14
C THR A 193 17.95 -1.38 -2.35
N GLN A 194 17.13 -2.14 -3.05
CA GLN A 194 16.30 -3.17 -2.43
C GLN A 194 16.79 -4.61 -2.65
N GLY A 195 18.03 -4.78 -3.10
CA GLY A 195 18.54 -6.11 -3.28
C GLY A 195 18.57 -6.68 -4.69
N ALA A 196 18.29 -5.86 -5.70
CA ALA A 196 18.36 -6.39 -7.06
C ALA A 196 19.85 -6.61 -7.28
N SER A 197 20.23 -7.82 -7.69
CA SER A 197 21.62 -8.16 -7.91
C SER A 197 22.27 -7.57 -9.16
N ILE A 198 23.46 -7.00 -8.99
CA ILE A 198 24.19 -6.42 -10.12
C ILE A 198 25.16 -7.45 -10.68
N TYR A 199 25.04 -8.70 -10.25
CA TYR A 199 25.95 -9.74 -10.70
C TYR A 199 25.36 -10.80 -11.63
N ILE A 200 24.03 -10.88 -11.67
CA ILE A 200 23.39 -11.88 -12.51
C ILE A 200 23.59 -11.59 -14.00
N GLU A 201 24.03 -12.60 -14.72
CA GLU A 201 24.25 -12.47 -16.16
C GLU A 201 23.04 -12.96 -16.92
N ASN A 202 22.75 -12.33 -18.05
CA ASN A 202 21.63 -12.73 -18.89
C ASN A 202 22.13 -13.68 -19.97
N LYS A 203 21.28 -14.03 -20.92
CA LYS A 203 21.71 -14.96 -21.98
C LYS A 203 22.78 -14.37 -22.89
N GLU A 204 23.02 -13.07 -22.76
CA GLU A 204 24.05 -12.39 -23.54
C GLU A 204 25.30 -12.21 -22.68
N GLU A 205 25.37 -12.98 -21.60
CA GLU A 205 26.48 -12.92 -20.67
C GLU A 205 26.71 -11.54 -20.05
N LYS A 206 25.73 -10.66 -20.15
CA LYS A 206 25.85 -9.32 -19.59
C LYS A 206 25.16 -9.24 -18.22
N THR A 207 25.69 -8.38 -17.37
CA THR A 207 25.13 -8.15 -16.05
C THR A 207 24.36 -6.85 -16.18
N PRO A 208 23.55 -6.50 -15.18
CA PRO A 208 22.81 -5.24 -15.29
C PRO A 208 23.79 -4.07 -15.47
N LEU A 209 25.02 -4.28 -15.03
CA LEU A 209 26.06 -3.26 -15.14
C LEU A 209 26.49 -3.05 -16.59
N GLN A 210 26.75 -4.15 -17.28
CA GLN A 210 27.19 -4.12 -18.68
C GLN A 210 26.09 -3.74 -19.65
N VAL A 211 24.85 -3.69 -19.16
CA VAL A 211 23.72 -3.35 -19.99
C VAL A 211 23.42 -1.88 -19.82
N ALA A 212 23.83 -1.32 -18.69
CA ALA A 212 23.60 0.08 -18.37
C ALA A 212 24.40 1.01 -19.28
N LYS A 213 23.87 2.22 -19.48
CA LYS A 213 24.53 3.19 -20.31
C LYS A 213 24.78 4.52 -19.58
N GLY A 214 25.60 5.36 -20.18
CA GLY A 214 25.90 6.66 -19.61
C GLY A 214 26.49 6.67 -18.21
N GLY A 215 27.29 5.68 -17.89
CA GLY A 215 27.89 5.65 -16.56
C GLY A 215 26.92 5.34 -15.44
N LEU A 216 25.79 4.73 -15.77
CA LEU A 216 24.79 4.36 -14.76
C LEU A 216 25.37 3.18 -13.97
N GLY A 217 26.17 2.36 -14.65
CA GLY A 217 26.80 1.21 -14.02
C GLY A 217 27.66 1.57 -12.83
N LEU A 218 28.42 2.66 -12.93
CA LEU A 218 29.26 3.10 -11.83
C LEU A 218 28.39 3.38 -10.62
N ILE A 219 27.32 4.15 -10.85
CA ILE A 219 26.39 4.50 -9.80
C ILE A 219 25.88 3.25 -9.07
N LEU A 220 25.28 2.34 -9.84
CA LEU A 220 24.74 1.10 -9.28
C LEU A 220 25.77 0.25 -8.55
N LYS A 221 26.95 0.12 -9.13
CA LYS A 221 27.99 -0.68 -8.47
C LYS A 221 28.30 -0.08 -7.12
N ARG A 222 28.33 1.26 -7.05
CA ARG A 222 28.61 1.95 -5.80
C ARG A 222 27.46 1.72 -4.81
N LEU A 223 26.23 1.84 -5.29
CA LEU A 223 25.07 1.61 -4.41
C LEU A 223 25.09 0.18 -3.89
N ALA A 224 25.31 -0.79 -4.78
CA ALA A 224 25.34 -2.20 -4.40
C ALA A 224 26.42 -2.51 -3.37
N GLU A 225 27.68 -2.19 -3.70
CA GLU A 225 28.78 -2.43 -2.79
C GLU A 225 28.53 -1.81 -1.41
N GLY A 226 27.93 -0.62 -1.40
CA GLY A 226 27.63 0.04 -0.15
C GLY A 226 26.47 -0.63 0.59
N GLU A 227 25.57 -1.25 -0.18
CA GLU A 227 24.41 -1.94 0.39
C GLU A 227 24.80 -3.34 0.88
N GLU A 228 25.96 -3.80 0.44
CA GLU A 228 26.47 -5.12 0.82
C GLU A 228 27.45 -4.99 1.98
N ALA A 229 27.86 -3.76 2.27
CA ALA A 229 28.78 -3.49 3.36
C ALA A 229 28.03 -3.29 4.67
N MET B 1 16.20 -5.44 -32.30
CA MET B 1 16.25 -3.95 -32.18
C MET B 1 16.16 -3.50 -30.74
N ASP B 2 16.28 -2.19 -30.53
CA ASP B 2 16.20 -1.62 -29.20
C ASP B 2 14.78 -1.86 -28.67
N ARG B 3 14.67 -2.16 -27.38
CA ARG B 3 13.36 -2.43 -26.79
C ARG B 3 12.38 -1.25 -26.87
N ARG B 4 12.84 -0.03 -26.62
CA ARG B 4 11.95 1.13 -26.70
C ARG B 4 11.43 1.36 -28.12
N GLN B 5 12.31 1.18 -29.11
CA GLN B 5 11.93 1.36 -30.50
C GLN B 5 10.85 0.35 -30.87
N LYS B 6 11.02 -0.88 -30.40
CA LYS B 6 10.06 -1.94 -30.65
C LYS B 6 8.69 -1.47 -30.15
N ARG B 7 8.67 -0.95 -28.92
CA ARG B 7 7.44 -0.46 -28.34
C ARG B 7 6.86 0.69 -29.17
N LEU B 8 7.71 1.65 -29.52
CA LEU B 8 7.28 2.81 -30.31
C LEU B 8 6.55 2.42 -31.60
N ILE B 9 7.16 1.54 -32.39
CA ILE B 9 6.54 1.11 -33.64
C ILE B 9 5.18 0.47 -33.38
N PHE B 10 5.11 -0.38 -32.34
CA PHE B 10 3.85 -1.04 -32.00
C PHE B 10 2.79 -0.01 -31.63
N SER B 11 3.11 0.90 -30.72
CA SER B 11 2.17 1.92 -30.30
C SER B 11 1.89 2.94 -31.41
N THR B 12 2.88 3.20 -32.26
CA THR B 12 2.66 4.14 -33.34
C THR B 12 1.66 3.57 -34.32
N ILE B 13 1.91 2.35 -34.79
CA ILE B 13 1.02 1.70 -35.74
C ILE B 13 -0.39 1.43 -35.18
N THR B 14 -0.47 0.96 -33.95
CA THR B 14 -1.79 0.68 -33.39
C THR B 14 -2.54 1.92 -32.94
N SER B 15 -1.84 3.04 -32.82
CA SER B 15 -2.49 4.27 -32.41
C SER B 15 -3.63 4.56 -33.38
N LYS B 16 -3.49 4.07 -34.60
CA LYS B 16 -4.50 4.28 -35.63
C LYS B 16 -5.42 3.09 -35.78
N MET B 17 -5.47 2.24 -34.76
CA MET B 17 -6.35 1.06 -34.80
C MET B 17 -7.26 1.05 -33.57
N ASN B 18 -8.34 0.28 -33.65
CA ASN B 18 -9.27 0.17 -32.53
C ASN B 18 -8.98 -1.10 -31.74
N LEU B 19 -8.23 -0.95 -30.67
CA LEU B 19 -7.88 -2.08 -29.82
C LEU B 19 -8.79 -2.11 -28.61
N SER B 20 -9.23 -3.31 -28.23
CA SER B 20 -10.06 -3.42 -27.04
C SER B 20 -9.16 -2.92 -25.90
N GLU B 21 -9.76 -2.36 -24.86
CA GLU B 21 -8.98 -1.82 -23.75
C GLU B 21 -8.09 -2.79 -23.00
N GLU B 22 -8.45 -4.08 -22.97
CA GLU B 22 -7.67 -5.07 -22.23
C GLU B 22 -6.36 -5.45 -22.94
N VAL B 23 -6.28 -5.22 -24.24
CA VAL B 23 -5.06 -5.55 -24.97
C VAL B 23 -3.87 -4.84 -24.34
N ASP B 24 -2.75 -5.53 -24.24
CA ASP B 24 -1.53 -4.95 -23.72
C ASP B 24 -0.39 -5.34 -24.65
N LEU B 25 0.07 -4.37 -25.44
CA LEU B 25 1.13 -4.63 -26.39
C LEU B 25 2.43 -5.03 -25.73
N GLU B 26 2.58 -4.73 -24.44
CA GLU B 26 3.80 -5.08 -23.75
C GLU B 26 4.00 -6.61 -23.80
N ASP B 27 2.90 -7.34 -23.98
CA ASP B 27 2.94 -8.81 -24.08
C ASP B 27 3.80 -9.26 -25.26
N TYR B 28 3.81 -8.47 -26.33
CA TYR B 28 4.59 -8.82 -27.51
C TYR B 28 5.92 -8.10 -27.50
N VAL B 29 5.90 -6.88 -26.95
CA VAL B 29 7.11 -6.07 -26.84
C VAL B 29 8.14 -6.85 -26.02
N ALA B 30 7.69 -7.46 -24.93
CA ALA B 30 8.55 -8.20 -24.02
C ALA B 30 9.10 -9.55 -24.50
N ARG B 31 8.77 -9.97 -25.71
CA ARG B 31 9.26 -11.25 -26.20
C ARG B 31 10.68 -11.24 -26.77
N PRO B 32 11.37 -12.40 -26.70
CA PRO B 32 12.74 -12.65 -27.16
C PRO B 32 12.98 -12.69 -28.66
N ASP B 33 11.93 -12.97 -29.43
CA ASP B 33 12.08 -13.05 -30.88
C ASP B 33 12.60 -11.75 -31.49
N LYS B 34 13.62 -11.88 -32.32
CA LYS B 34 14.22 -10.72 -32.97
C LYS B 34 13.41 -10.46 -34.22
N ILE B 35 12.43 -9.57 -34.13
CA ILE B 35 11.61 -9.26 -35.29
C ILE B 35 12.04 -7.91 -35.83
N SER B 36 11.55 -7.57 -37.02
CA SER B 36 11.90 -6.31 -37.66
C SER B 36 10.67 -5.42 -37.77
N GLY B 37 10.90 -4.15 -38.03
CA GLY B 37 9.79 -3.21 -38.17
C GLY B 37 8.76 -3.74 -39.15
N ALA B 38 9.23 -4.42 -40.17
CA ALA B 38 8.34 -4.99 -41.17
C ALA B 38 7.45 -6.06 -40.53
N ASP B 39 8.06 -6.89 -39.69
CA ASP B 39 7.32 -7.95 -39.00
C ASP B 39 6.27 -7.30 -38.10
N ILE B 40 6.69 -6.28 -37.34
CA ILE B 40 5.78 -5.56 -36.46
C ILE B 40 4.62 -5.02 -37.29
N ASN B 41 4.95 -4.51 -38.47
CA ASN B 41 3.95 -3.95 -39.36
C ASN B 41 3.00 -5.04 -39.85
N SER B 42 3.54 -6.22 -40.14
CA SER B 42 2.75 -7.34 -40.61
C SER B 42 1.83 -7.85 -39.51
N ILE B 43 2.39 -8.01 -38.32
CA ILE B 43 1.62 -8.48 -37.17
C ILE B 43 0.39 -7.61 -36.98
N CYS B 44 0.56 -6.30 -36.95
CA CYS B 44 -0.57 -5.39 -36.77
C CYS B 44 -1.59 -5.52 -37.89
N GLN B 45 -1.10 -5.56 -39.13
CA GLN B 45 -1.99 -5.68 -40.28
C GLN B 45 -2.79 -6.99 -40.23
N GLU B 46 -2.12 -8.10 -39.95
CA GLU B 46 -2.83 -9.37 -39.85
C GLU B 46 -3.88 -9.30 -38.74
N SER B 47 -3.53 -8.69 -37.61
CA SER B 47 -4.44 -8.55 -36.48
C SER B 47 -5.73 -7.84 -36.90
N GLY B 48 -5.57 -6.75 -37.64
CA GLY B 48 -6.74 -6.01 -38.11
C GLY B 48 -7.55 -6.93 -38.98
N MET B 49 -6.86 -7.66 -39.85
CA MET B 49 -7.48 -8.62 -40.76
C MET B 49 -8.31 -9.63 -39.96
N LEU B 50 -7.66 -10.25 -38.99
CA LEU B 50 -8.32 -11.25 -38.14
C LEU B 50 -9.54 -10.69 -37.43
N ALA B 51 -9.48 -9.42 -37.05
CA ALA B 51 -10.61 -8.78 -36.38
C ALA B 51 -11.77 -8.62 -37.39
N VAL B 52 -11.45 -8.17 -38.60
CA VAL B 52 -12.44 -7.99 -39.66
C VAL B 52 -13.03 -9.34 -40.07
N ARG B 53 -12.19 -10.35 -40.19
CA ARG B 53 -12.65 -11.67 -40.60
C ARG B 53 -13.63 -12.24 -39.58
N GLU B 54 -13.82 -11.52 -38.49
CA GLU B 54 -14.74 -11.97 -37.47
C GLU B 54 -15.82 -10.91 -37.28
N ASN B 55 -15.88 -9.98 -38.24
CA ASN B 55 -16.88 -8.92 -38.20
C ASN B 55 -16.81 -8.14 -36.90
N ARG B 56 -15.60 -8.00 -36.39
CA ARG B 56 -15.35 -7.32 -35.13
C ARG B 56 -14.62 -6.01 -35.41
N TYR B 57 -15.15 -4.89 -34.92
CA TYR B 57 -14.51 -3.61 -35.17
C TYR B 57 -13.41 -3.26 -34.15
N ILE B 58 -13.29 -4.09 -33.11
CA ILE B 58 -12.29 -3.89 -32.09
C ILE B 58 -11.29 -5.05 -32.14
N VAL B 59 -10.00 -4.75 -32.05
CA VAL B 59 -8.98 -5.79 -32.10
C VAL B 59 -8.73 -6.41 -30.73
N LEU B 60 -8.68 -7.75 -30.70
CA LEU B 60 -8.47 -8.49 -29.45
C LEU B 60 -7.09 -9.12 -29.26
N ALA B 61 -6.83 -9.54 -28.02
CA ALA B 61 -5.56 -10.18 -27.67
C ALA B 61 -5.35 -11.43 -28.52
N LYS B 62 -6.43 -12.14 -28.81
CA LYS B 62 -6.33 -13.35 -29.61
C LYS B 62 -5.84 -13.01 -31.01
N ASP B 63 -6.24 -11.84 -31.52
CA ASP B 63 -5.80 -11.44 -32.87
C ASP B 63 -4.28 -11.26 -32.89
N PHE B 64 -3.74 -10.52 -31.92
CA PHE B 64 -2.30 -10.31 -31.87
C PHE B 64 -1.51 -11.60 -31.66
N GLU B 65 -2.10 -12.54 -30.92
CA GLU B 65 -1.45 -13.81 -30.64
C GLU B 65 -1.29 -14.63 -31.89
N LYS B 66 -2.36 -14.75 -32.68
CA LYS B 66 -2.30 -15.51 -33.93
C LYS B 66 -1.32 -14.79 -34.85
N ALA B 67 -1.59 -13.52 -35.09
CA ALA B 67 -0.75 -12.73 -35.97
C ALA B 67 0.72 -12.92 -35.62
N TYR B 68 1.06 -12.83 -34.34
CA TYR B 68 2.45 -13.00 -33.93
C TYR B 68 2.97 -14.36 -34.39
N LYS B 69 2.21 -15.40 -34.07
CA LYS B 69 2.57 -16.76 -34.44
C LYS B 69 2.69 -16.89 -35.97
N THR B 70 1.81 -16.21 -36.70
CA THR B 70 1.80 -16.25 -38.15
C THR B 70 3.00 -15.56 -38.81
N VAL B 71 3.49 -14.49 -38.20
CA VAL B 71 4.61 -13.75 -38.79
C VAL B 71 5.97 -14.31 -38.40
N ILE B 72 6.13 -14.68 -37.14
CA ILE B 72 7.38 -15.24 -36.65
C ILE B 72 7.40 -16.74 -36.89
N LYS B 73 7.69 -17.12 -38.13
CA LYS B 73 7.74 -18.52 -38.54
C LYS B 73 6.38 -19.21 -38.41
N CYS C 4 -14.34 0.80 38.32
CA CYS C 4 -13.73 0.17 37.11
C CYS C 4 -12.88 1.20 36.35
N VAL C 5 -13.30 1.54 35.14
CA VAL C 5 -12.56 2.50 34.33
C VAL C 5 -13.29 3.84 34.25
N SER C 6 -14.62 3.78 34.21
CA SER C 6 -15.42 4.98 34.10
C SER C 6 -16.42 5.11 35.24
N ASN C 7 -16.81 6.35 35.52
CA ASN C 7 -17.78 6.64 36.57
C ASN C 7 -19.21 6.47 36.04
N ILE C 8 -19.33 6.34 34.72
CA ILE C 8 -20.63 6.19 34.08
C ILE C 8 -20.84 4.74 33.64
N MET C 9 -21.83 4.10 34.25
CA MET C 9 -22.16 2.71 33.94
C MET C 9 -22.01 2.34 32.47
N ILE C 10 -22.73 3.04 31.59
CA ILE C 10 -22.70 2.78 30.16
C ILE C 10 -21.28 2.65 29.60
N CYS C 11 -20.36 3.48 30.09
CA CYS C 11 -18.98 3.43 29.63
C CYS C 11 -18.32 2.12 30.01
N ASN C 12 -18.40 1.77 31.30
CA ASN C 12 -17.80 0.52 31.75
C ASN C 12 -18.30 -0.64 30.92
N LEU C 13 -19.58 -0.61 30.55
CA LEU C 13 -20.15 -1.68 29.74
C LEU C 13 -19.40 -1.74 28.42
N ALA C 14 -19.16 -0.56 27.84
CA ALA C 14 -18.48 -0.45 26.56
C ALA C 14 -17.05 -0.98 26.63
N TYR C 15 -16.33 -0.64 27.68
CA TYR C 15 -14.95 -1.09 27.83
C TYR C 15 -14.85 -2.59 28.07
N SER C 16 -15.87 -3.15 28.71
CA SER C 16 -15.90 -4.57 29.02
C SER C 16 -16.40 -5.43 27.87
N GLY C 17 -17.26 -4.87 27.02
CA GLY C 17 -17.76 -5.62 25.89
C GLY C 17 -19.16 -6.15 26.11
N LYS C 18 -19.88 -5.56 27.06
CA LYS C 18 -21.24 -5.98 27.37
C LYS C 18 -22.18 -5.57 26.23
N LEU C 19 -21.81 -5.93 25.01
CA LEU C 19 -22.59 -5.59 23.81
C LEU C 19 -24.11 -5.61 24.02
N ASP C 20 -24.62 -6.77 24.40
CA ASP C 20 -26.06 -6.94 24.60
C ASP C 20 -26.62 -6.02 25.68
N GLU C 21 -25.99 -6.03 26.85
CA GLU C 21 -26.44 -5.20 27.97
C GLU C 21 -26.44 -3.72 27.61
N LEU C 22 -25.44 -3.30 26.84
CA LEU C 22 -25.31 -1.90 26.43
C LEU C 22 -26.38 -1.52 25.42
N LYS C 23 -26.55 -2.35 24.40
CA LYS C 23 -27.55 -2.08 23.37
C LYS C 23 -28.92 -1.93 24.02
N GLU C 24 -29.20 -2.77 25.01
CA GLU C 24 -30.49 -2.73 25.69
C GLU C 24 -30.68 -1.42 26.45
N ARG C 25 -29.80 -1.17 27.42
CA ARG C 25 -29.90 0.05 28.20
C ARG C 25 -29.78 1.32 27.37
N ILE C 26 -29.28 1.20 26.15
CA ILE C 26 -29.15 2.37 25.29
C ILE C 26 -30.43 2.58 24.50
N LEU C 27 -31.04 1.49 24.05
CA LEU C 27 -32.28 1.60 23.31
C LEU C 27 -33.34 2.19 24.24
N ALA C 28 -33.42 1.65 25.46
CA ALA C 28 -34.38 2.14 26.44
C ALA C 28 -34.08 3.59 26.77
N ASP C 29 -32.79 3.89 26.97
CA ASP C 29 -32.35 5.25 27.27
C ASP C 29 -31.29 5.64 26.23
N LYS C 30 -31.72 6.36 25.19
CA LYS C 30 -30.80 6.75 24.13
C LYS C 30 -29.77 7.79 24.57
N SER C 31 -30.15 8.71 25.45
CA SER C 31 -29.21 9.73 25.90
C SER C 31 -27.91 9.07 26.36
N LEU C 32 -28.02 7.85 26.87
CA LEU C 32 -26.88 7.09 27.35
C LEU C 32 -25.78 6.94 26.31
N ALA C 33 -26.16 6.96 25.04
CA ALA C 33 -25.20 6.81 23.95
C ALA C 33 -24.14 7.93 23.88
N THR C 34 -24.45 9.10 24.43
CA THR C 34 -23.50 10.19 24.38
C THR C 34 -23.16 10.83 25.73
N ARG C 35 -23.44 10.13 26.82
CA ARG C 35 -23.12 10.66 28.15
C ARG C 35 -21.61 10.74 28.32
N THR C 36 -21.12 11.83 28.88
CA THR C 36 -19.68 12.00 29.06
C THR C 36 -19.24 11.75 30.49
N ASP C 37 -18.38 10.75 30.66
CA ASP C 37 -17.87 10.45 31.99
C ASP C 37 -16.90 11.55 32.42
N GLN C 38 -16.28 11.36 33.58
CA GLN C 38 -15.35 12.34 34.12
C GLN C 38 -14.14 12.61 33.22
N ASP C 39 -13.82 11.68 32.33
CA ASP C 39 -12.69 11.87 31.44
C ASP C 39 -13.13 12.46 30.10
N SER C 40 -14.35 13.00 30.08
CA SER C 40 -14.91 13.61 28.88
C SER C 40 -15.04 12.59 27.77
N ARG C 41 -15.31 11.35 28.17
CA ARG C 41 -15.47 10.25 27.22
C ARG C 41 -16.90 9.71 27.22
N THR C 42 -17.24 9.02 26.14
CA THR C 42 -18.56 8.41 26.00
C THR C 42 -18.29 6.93 25.76
N ALA C 43 -19.35 6.16 25.56
CA ALA C 43 -19.18 4.74 25.32
C ALA C 43 -18.25 4.53 24.12
N LEU C 44 -18.36 5.40 23.12
CA LEU C 44 -17.55 5.31 21.92
C LEU C 44 -16.06 5.32 22.17
N HIS C 45 -15.58 6.23 23.03
CA HIS C 45 -14.15 6.29 23.31
C HIS C 45 -13.65 5.01 23.94
N TRP C 46 -14.36 4.53 24.95
CA TRP C 46 -13.98 3.31 25.63
C TRP C 46 -14.11 2.10 24.73
N ALA C 47 -15.19 2.05 23.96
CA ALA C 47 -15.43 0.94 23.05
C ALA C 47 -14.26 0.83 22.07
N CYS C 48 -13.61 1.96 21.79
CA CYS C 48 -12.47 1.98 20.88
C CYS C 48 -11.19 1.53 21.57
N SER C 49 -11.02 1.93 22.82
CA SER C 49 -9.84 1.56 23.57
C SER C 49 -9.78 0.06 23.76
N ALA C 50 -10.90 -0.53 24.16
CA ALA C 50 -10.96 -1.97 24.37
C ALA C 50 -11.01 -2.69 23.03
N GLY C 51 -11.36 -1.95 21.98
CA GLY C 51 -11.43 -2.52 20.66
C GLY C 51 -12.65 -3.37 20.33
N HIS C 52 -13.79 -3.07 20.93
CA HIS C 52 -15.00 -3.84 20.68
C HIS C 52 -15.70 -3.32 19.42
N THR C 53 -15.41 -3.96 18.29
CA THR C 53 -15.97 -3.58 17.00
C THR C 53 -17.49 -3.62 16.86
N GLU C 54 -18.13 -4.61 17.46
CA GLU C 54 -19.58 -4.73 17.34
C GLU C 54 -20.29 -3.61 18.11
N ILE C 55 -19.71 -3.17 19.22
CA ILE C 55 -20.31 -2.10 20.01
C ILE C 55 -20.15 -0.78 19.26
N VAL C 56 -18.94 -0.57 18.74
CA VAL C 56 -18.63 0.63 17.98
C VAL C 56 -19.59 0.79 16.81
N GLU C 57 -19.77 -0.29 16.05
CA GLU C 57 -20.68 -0.26 14.89
C GLU C 57 -22.09 0.12 15.34
N PHE C 58 -22.54 -0.51 16.42
CA PHE C 58 -23.85 -0.24 16.97
C PHE C 58 -24.03 1.24 17.27
N LEU C 59 -23.04 1.84 17.92
CA LEU C 59 -23.10 3.25 18.24
C LEU C 59 -23.11 4.09 16.97
N LEU C 60 -22.10 3.89 16.12
CA LEU C 60 -21.99 4.64 14.88
C LEU C 60 -23.29 4.54 14.07
N GLN C 61 -23.75 3.33 13.85
CA GLN C 61 -24.98 3.10 13.11
C GLN C 61 -26.14 3.81 13.79
N LEU C 62 -25.98 4.07 15.09
CA LEU C 62 -27.01 4.75 15.87
C LEU C 62 -26.99 6.25 15.63
N GLY C 63 -25.91 6.73 14.99
CA GLY C 63 -25.80 8.14 14.67
C GLY C 63 -24.98 9.03 15.60
N VAL C 64 -24.21 8.45 16.51
CA VAL C 64 -23.40 9.23 17.45
C VAL C 64 -22.28 10.01 16.76
N PRO C 65 -21.89 11.15 17.33
CA PRO C 65 -20.82 11.98 16.77
C PRO C 65 -19.54 11.14 16.77
N VAL C 66 -18.57 11.49 15.93
CA VAL C 66 -17.35 10.70 15.86
C VAL C 66 -16.04 11.48 16.01
N ASN C 67 -16.11 12.79 16.23
CA ASN C 67 -14.88 13.56 16.34
C ASN C 67 -14.63 14.28 17.66
N ASP C 68 -15.41 13.95 18.68
CA ASP C 68 -15.22 14.60 19.99
C ASP C 68 -13.97 14.06 20.68
N LYS C 69 -13.14 14.96 21.17
CA LYS C 69 -11.90 14.59 21.86
C LYS C 69 -12.15 14.49 23.37
N ASP C 70 -11.48 13.57 24.06
CA ASP C 70 -11.66 13.47 25.50
C ASP C 70 -10.85 14.58 26.16
N ASP C 71 -10.83 14.62 27.49
CA ASP C 71 -10.10 15.69 28.18
C ASP C 71 -8.61 15.70 27.86
N ALA C 72 -8.16 14.75 27.05
CA ALA C 72 -6.76 14.70 26.67
C ALA C 72 -6.59 15.10 25.21
N GLY C 73 -7.71 15.35 24.55
CA GLY C 73 -7.68 15.75 23.14
C GLY C 73 -7.74 14.57 22.17
N TRP C 74 -7.85 13.36 22.70
CA TRP C 74 -7.91 12.17 21.86
C TRP C 74 -9.31 11.94 21.29
N SER C 75 -9.39 11.84 19.98
CA SER C 75 -10.68 11.58 19.35
C SER C 75 -10.78 10.06 19.24
N PRO C 76 -11.97 9.54 18.93
CA PRO C 76 -12.13 8.09 18.80
C PRO C 76 -11.07 7.53 17.85
N LEU C 77 -10.79 8.26 16.77
CA LEU C 77 -9.81 7.82 15.77
C LEU C 77 -8.42 7.74 16.37
N HIS C 78 -8.07 8.68 17.23
CA HIS C 78 -6.76 8.64 17.87
C HIS C 78 -6.67 7.31 18.62
N ILE C 79 -7.65 7.07 19.50
CA ILE C 79 -7.68 5.87 20.31
C ILE C 79 -7.69 4.59 19.49
N ALA C 80 -8.56 4.53 18.49
CA ALA C 80 -8.65 3.34 17.64
C ALA C 80 -7.33 3.08 16.91
N ALA C 81 -6.73 4.13 16.38
CA ALA C 81 -5.48 4.00 15.64
C ALA C 81 -4.32 3.51 16.52
N SER C 82 -4.10 4.18 17.64
CA SER C 82 -3.02 3.80 18.54
C SER C 82 -3.18 2.41 19.14
N ALA C 83 -4.42 2.04 19.43
CA ALA C 83 -4.70 0.74 20.04
C ALA C 83 -4.76 -0.37 19.02
N GLY C 84 -4.35 -0.06 17.79
CA GLY C 84 -4.35 -1.05 16.74
C GLY C 84 -5.68 -1.73 16.44
N ARG C 85 -6.78 -1.00 16.55
CA ARG C 85 -8.10 -1.58 16.27
C ARG C 85 -8.45 -1.30 14.79
N ASP C 86 -7.83 -2.05 13.89
CA ASP C 86 -8.03 -1.91 12.46
C ASP C 86 -9.49 -1.66 12.02
N GLU C 87 -10.34 -2.68 12.18
CA GLU C 87 -11.74 -2.58 11.79
C GLU C 87 -12.43 -1.30 12.24
N ILE C 88 -12.32 -0.99 13.52
CA ILE C 88 -12.94 0.22 14.05
C ILE C 88 -12.42 1.48 13.36
N VAL C 89 -11.16 1.44 12.93
CA VAL C 89 -10.56 2.58 12.25
C VAL C 89 -11.23 2.79 10.89
N LYS C 90 -11.36 1.72 10.12
CA LYS C 90 -12.00 1.80 8.81
C LYS C 90 -13.42 2.33 8.99
N ALA C 91 -14.13 1.76 9.97
CA ALA C 91 -15.51 2.16 10.25
C ALA C 91 -15.63 3.64 10.59
N LEU C 92 -14.66 4.15 11.34
CA LEU C 92 -14.68 5.56 11.74
C LEU C 92 -14.43 6.49 10.57
N LEU C 93 -13.54 6.09 9.66
CA LEU C 93 -13.23 6.92 8.50
C LEU C 93 -14.45 7.05 7.61
N VAL C 94 -15.22 5.97 7.52
CA VAL C 94 -16.42 5.99 6.70
C VAL C 94 -17.40 7.03 7.21
N LYS C 95 -17.48 7.16 8.54
CA LYS C 95 -18.39 8.12 9.16
C LYS C 95 -17.78 9.51 9.21
N GLY C 96 -16.71 9.72 8.44
CA GLY C 96 -16.06 11.02 8.38
C GLY C 96 -15.16 11.46 9.51
N ALA C 97 -14.47 10.52 10.15
CA ALA C 97 -13.56 10.86 11.24
C ALA C 97 -12.44 11.76 10.70
N HIS C 98 -12.05 12.77 11.48
CA HIS C 98 -11.00 13.69 11.07
C HIS C 98 -9.61 13.05 11.16
N VAL C 99 -9.05 12.74 10.01
CA VAL C 99 -7.74 12.09 9.97
C VAL C 99 -6.60 12.98 10.47
N ASN C 100 -6.80 14.29 10.44
CA ASN C 100 -5.73 15.18 10.90
C ASN C 100 -5.97 15.88 12.24
N ALA C 101 -6.94 15.37 13.01
CA ALA C 101 -7.22 15.93 14.32
C ALA C 101 -5.98 15.79 15.18
N VAL C 102 -5.83 16.65 16.18
CA VAL C 102 -4.65 16.59 17.05
C VAL C 102 -5.04 16.67 18.53
N ASN C 103 -4.31 15.94 19.39
CA ASN C 103 -4.58 15.93 20.82
C ASN C 103 -3.72 16.93 21.60
N GLN C 104 -3.57 16.70 22.90
CA GLN C 104 -2.80 17.60 23.76
C GLN C 104 -1.32 17.81 23.46
N ASN C 105 -0.64 16.89 22.80
CA ASN C 105 0.76 17.15 22.49
C ASN C 105 0.99 17.29 20.97
N GLY C 106 -0.09 17.57 20.26
CA GLY C 106 -0.01 17.78 18.83
C GLY C 106 0.16 16.59 17.91
N CYS C 107 -0.31 15.44 18.35
CA CYS C 107 -0.20 14.24 17.53
C CYS C 107 -1.48 13.98 16.76
N THR C 108 -1.33 13.44 15.57
CA THR C 108 -2.48 13.07 14.76
C THR C 108 -2.54 11.56 14.98
N PRO C 109 -3.58 10.89 14.50
CA PRO C 109 -3.61 9.44 14.71
C PRO C 109 -2.46 8.73 14.00
N LEU C 110 -1.94 9.33 12.94
CA LEU C 110 -0.85 8.73 12.19
C LEU C 110 0.41 8.61 13.03
N HIS C 111 0.62 9.57 13.92
CA HIS C 111 1.80 9.54 14.79
C HIS C 111 1.85 8.22 15.55
N TYR C 112 0.73 7.83 16.14
CA TYR C 112 0.65 6.60 16.94
C TYR C 112 0.67 5.33 16.08
N ALA C 113 -0.01 5.37 14.94
CA ALA C 113 -0.03 4.22 14.06
C ALA C 113 1.43 3.95 13.67
N ALA C 114 2.14 5.02 13.32
CA ALA C 114 3.53 4.90 12.89
C ALA C 114 4.47 4.40 13.99
N SER C 115 4.30 4.94 15.20
CA SER C 115 5.12 4.57 16.34
C SER C 115 4.95 3.10 16.72
N LYS C 116 3.75 2.56 16.50
CA LYS C 116 3.48 1.18 16.87
C LYS C 116 3.39 0.19 15.71
N ASN C 117 3.95 0.54 14.56
CA ASN C 117 3.92 -0.34 13.41
C ASN C 117 2.53 -0.78 12.94
N ARG C 118 1.54 0.10 13.11
CA ARG C 118 0.18 -0.21 12.66
C ARG C 118 0.14 -0.02 11.14
N HIS C 119 0.74 -0.97 10.43
CA HIS C 119 0.82 -0.95 8.98
C HIS C 119 -0.48 -0.71 8.23
N GLU C 120 -1.47 -1.56 8.45
CA GLU C 120 -2.74 -1.40 7.77
C GLU C 120 -3.40 -0.07 8.13
N ILE C 121 -3.38 0.28 9.42
CA ILE C 121 -3.98 1.53 9.90
C ILE C 121 -3.31 2.77 9.32
N ALA C 122 -1.98 2.72 9.15
CA ALA C 122 -1.28 3.87 8.58
C ALA C 122 -1.78 4.07 7.15
N VAL C 123 -1.83 2.98 6.39
CA VAL C 123 -2.29 3.04 5.02
C VAL C 123 -3.70 3.64 4.95
N MET C 124 -4.63 3.09 5.74
CA MET C 124 -5.99 3.59 5.75
C MET C 124 -6.01 5.09 5.99
N LEU C 125 -5.27 5.54 7.00
CA LEU C 125 -5.20 6.95 7.35
C LEU C 125 -4.64 7.78 6.21
N LEU C 126 -3.55 7.29 5.62
CA LEU C 126 -2.91 8.00 4.51
C LEU C 126 -3.80 8.06 3.28
N GLU C 127 -4.49 6.96 3.00
CA GLU C 127 -5.39 6.93 1.86
C GLU C 127 -6.57 7.85 2.17
N GLY C 128 -6.75 8.14 3.46
CA GLY C 128 -7.83 9.00 3.90
C GLY C 128 -7.47 10.47 3.89
N GLY C 129 -6.25 10.78 3.46
CA GLY C 129 -5.82 12.16 3.40
C GLY C 129 -5.01 12.66 4.59
N ALA C 130 -4.50 11.74 5.40
CA ALA C 130 -3.70 12.16 6.55
C ALA C 130 -2.45 12.88 6.09
N ASN C 131 -2.06 13.93 6.81
CA ASN C 131 -0.88 14.70 6.48
C ASN C 131 0.33 13.96 7.02
N PRO C 132 1.09 13.29 6.13
CA PRO C 132 2.28 12.54 6.52
C PRO C 132 3.34 13.35 7.24
N ASP C 133 3.29 14.67 7.06
CA ASP C 133 4.27 15.55 7.69
C ASP C 133 3.77 16.27 8.94
N ALA C 134 2.67 15.80 9.50
CA ALA C 134 2.12 16.40 10.72
C ALA C 134 3.19 16.39 11.80
N LYS C 135 3.41 17.55 12.41
CA LYS C 135 4.41 17.66 13.46
C LYS C 135 3.69 17.91 14.79
N ASP C 136 4.20 17.33 15.87
CA ASP C 136 3.59 17.54 17.18
C ASP C 136 4.20 18.75 17.86
N HIS C 137 3.88 18.97 19.14
CA HIS C 137 4.40 20.12 19.88
C HIS C 137 5.92 20.12 20.04
N TYR C 138 6.56 19.10 19.48
CA TYR C 138 8.01 18.99 19.54
C TYR C 138 8.50 18.88 18.12
N ASP C 139 7.68 19.37 17.19
CA ASP C 139 7.99 19.35 15.76
C ASP C 139 8.46 17.98 15.30
N ALA C 140 7.87 16.92 15.85
CA ALA C 140 8.25 15.57 15.45
C ALA C 140 7.18 14.98 14.53
N THR C 141 7.61 14.27 13.51
CA THR C 141 6.70 13.65 12.55
C THR C 141 6.52 12.17 12.88
N ALA C 142 5.70 11.49 12.08
CA ALA C 142 5.47 10.07 12.25
C ALA C 142 6.76 9.36 11.82
N MET C 143 7.43 9.94 10.82
CA MET C 143 8.68 9.38 10.31
C MET C 143 9.68 9.33 11.47
N HIS C 144 9.67 10.37 12.29
CA HIS C 144 10.55 10.44 13.46
C HIS C 144 10.39 9.22 14.37
N ARG C 145 9.14 8.93 14.75
CA ARG C 145 8.87 7.79 15.61
C ARG C 145 9.10 6.45 14.92
N ALA C 146 8.84 6.38 13.61
CA ALA C 146 9.05 5.12 12.91
C ALA C 146 10.54 4.82 12.76
N ALA C 147 11.31 5.84 12.41
CA ALA C 147 12.76 5.71 12.20
C ALA C 147 13.55 5.43 13.46
N ALA C 148 13.17 6.04 14.57
CA ALA C 148 13.87 5.83 15.83
C ALA C 148 13.68 4.42 16.36
N LYS C 149 12.44 3.92 16.27
CA LYS C 149 12.11 2.59 16.78
C LYS C 149 12.39 1.46 15.78
N GLY C 150 12.99 1.82 14.65
CA GLY C 150 13.32 0.82 13.66
C GLY C 150 12.15 0.13 12.98
N ASN C 151 11.09 0.87 12.68
CA ASN C 151 9.94 0.29 11.99
C ASN C 151 10.21 0.42 10.50
N LEU C 152 10.99 -0.50 9.96
CA LEU C 152 11.37 -0.47 8.55
C LEU C 152 10.19 -0.35 7.58
N LYS C 153 9.24 -1.27 7.69
CA LYS C 153 8.06 -1.27 6.83
C LYS C 153 7.32 0.08 6.92
N MET C 154 7.21 0.60 8.14
CA MET C 154 6.53 1.88 8.35
C MET C 154 7.25 3.02 7.61
N VAL C 155 8.58 3.08 7.73
CA VAL C 155 9.36 4.10 7.03
C VAL C 155 8.99 4.05 5.55
N HIS C 156 8.99 2.84 4.99
CA HIS C 156 8.65 2.63 3.58
C HIS C 156 7.27 3.14 3.22
N ILE C 157 6.29 2.88 4.10
CA ILE C 157 4.93 3.33 3.85
C ILE C 157 4.88 4.86 3.86
N LEU C 158 5.53 5.46 4.86
CA LEU C 158 5.56 6.92 4.97
C LEU C 158 6.24 7.56 3.77
N LEU C 159 7.37 6.98 3.36
CA LEU C 159 8.10 7.49 2.20
C LEU C 159 7.28 7.30 0.93
N PHE C 160 6.54 6.19 0.86
CA PHE C 160 5.70 5.91 -0.30
C PHE C 160 4.63 6.98 -0.46
N TYR C 161 4.23 7.58 0.65
CA TYR C 161 3.21 8.62 0.63
C TYR C 161 3.82 10.01 0.66
N LYS C 162 5.03 10.13 0.10
CA LYS C 162 5.75 11.38 -0.01
C LYS C 162 6.06 12.11 1.29
N ALA C 163 6.33 11.37 2.36
CA ALA C 163 6.66 12.03 3.61
C ALA C 163 8.07 12.59 3.46
N SER C 164 8.33 13.74 4.08
CA SER C 164 9.65 14.34 4.02
C SER C 164 10.62 13.52 4.88
N THR C 165 11.91 13.74 4.70
CA THR C 165 12.90 13.02 5.48
C THR C 165 13.77 14.01 6.22
N ASN C 166 13.53 15.30 6.00
CA ASN C 166 14.38 16.29 6.66
C ASN C 166 13.75 17.26 7.65
N ILE C 167 12.51 17.00 8.07
CA ILE C 167 11.90 17.88 9.05
C ILE C 167 12.66 17.64 10.36
N GLN C 168 13.04 18.73 11.02
CA GLN C 168 13.79 18.66 12.27
C GLN C 168 12.89 18.87 13.49
N ASP C 169 13.14 18.10 14.55
CA ASP C 169 12.35 18.26 15.77
C ASP C 169 13.00 19.33 16.65
N THR C 170 12.37 19.64 17.79
CA THR C 170 12.90 20.68 18.67
C THR C 170 14.36 20.53 19.08
N GLU C 171 14.94 19.35 18.87
CA GLU C 171 16.35 19.12 19.21
C GLU C 171 17.22 19.23 17.96
N GLY C 172 16.57 19.55 16.84
CA GLY C 172 17.27 19.70 15.58
C GLY C 172 17.50 18.39 14.87
N ASN C 173 17.06 17.29 15.46
CA ASN C 173 17.23 15.97 14.87
C ASN C 173 16.23 15.66 13.79
N THR C 174 16.70 15.02 12.72
CA THR C 174 15.82 14.60 11.64
C THR C 174 15.61 13.11 11.88
N PRO C 175 14.71 12.48 11.12
CA PRO C 175 14.51 11.04 11.33
C PRO C 175 15.83 10.26 11.20
N LEU C 176 16.69 10.68 10.26
CA LEU C 176 17.97 10.00 10.07
C LEU C 176 18.82 10.08 11.33
N HIS C 177 18.76 11.23 11.99
CA HIS C 177 19.51 11.41 13.23
C HIS C 177 19.07 10.34 14.21
N LEU C 178 17.76 10.25 14.40
CA LEU C 178 17.16 9.29 15.30
C LEU C 178 17.51 7.85 14.97
N ALA C 179 17.43 7.49 13.69
CA ALA C 179 17.74 6.13 13.28
C ALA C 179 19.20 5.80 13.56
N CYS C 180 20.08 6.77 13.30
CA CYS C 180 21.51 6.54 13.54
C CYS C 180 21.86 6.37 15.01
N ASP C 181 21.28 7.22 15.85
CA ASP C 181 21.52 7.17 17.29
C ASP C 181 21.12 5.82 17.87
N GLU C 182 20.04 5.23 17.35
CA GLU C 182 19.58 3.94 17.86
C GLU C 182 20.05 2.76 17.02
N GLU C 183 20.98 3.03 16.12
CA GLU C 183 21.57 1.99 15.29
C GLU C 183 20.63 1.23 14.35
N ARG C 184 19.59 1.90 13.85
CA ARG C 184 18.67 1.26 12.91
C ARG C 184 19.33 1.31 11.52
N VAL C 185 20.22 0.36 11.25
CA VAL C 185 20.95 0.30 9.98
C VAL C 185 20.13 0.35 8.69
N GLU C 186 19.21 -0.58 8.51
CA GLU C 186 18.39 -0.60 7.30
C GLU C 186 17.56 0.66 7.10
N GLU C 187 17.01 1.19 8.19
CA GLU C 187 16.20 2.40 8.08
C GLU C 187 17.10 3.55 7.64
N ALA C 188 18.27 3.62 8.25
CA ALA C 188 19.22 4.68 7.95
C ALA C 188 19.66 4.67 6.49
N LYS C 189 20.05 3.51 5.99
CA LYS C 189 20.50 3.42 4.60
C LYS C 189 19.37 3.80 3.64
N PHE C 190 18.20 3.22 3.84
CA PHE C 190 17.06 3.52 2.97
C PHE C 190 16.77 5.03 2.96
N LEU C 191 16.70 5.63 4.15
CA LEU C 191 16.44 7.06 4.24
C LEU C 191 17.46 7.86 3.43
N VAL C 192 18.75 7.58 3.63
CA VAL C 192 19.79 8.29 2.88
C VAL C 192 19.64 8.08 1.39
N THR C 193 19.28 6.86 1.01
CA THR C 193 19.10 6.48 -0.38
C THR C 193 17.87 7.13 -1.00
N GLN C 194 17.00 7.63 -0.11
CA GLN C 194 15.74 8.24 -0.51
C GLN C 194 15.76 9.77 -0.38
N GLY C 195 16.92 10.36 -0.15
CA GLY C 195 16.99 11.80 -0.05
C GLY C 195 17.32 12.41 1.31
N ALA C 196 17.39 11.58 2.35
CA ALA C 196 17.70 12.09 3.68
C ALA C 196 19.15 12.57 3.68
N SER C 197 19.38 13.78 4.19
CA SER C 197 20.73 14.35 4.20
C SER C 197 21.60 13.94 5.37
N ILE C 198 22.89 13.70 5.08
CA ILE C 198 23.85 13.33 6.11
C ILE C 198 24.66 14.54 6.51
N TYR C 199 24.20 15.72 6.10
CA TYR C 199 24.90 16.96 6.40
C TYR C 199 24.18 17.91 7.34
N ILE C 200 22.92 17.61 7.68
CA ILE C 200 22.18 18.48 8.59
C ILE C 200 22.63 18.27 10.03
N GLU C 201 22.84 19.36 10.75
CA GLU C 201 23.28 19.27 12.14
C GLU C 201 22.11 19.49 13.10
N ASN C 202 22.11 18.77 14.21
CA ASN C 202 21.06 18.97 15.21
C ASN C 202 21.57 20.07 16.12
N LYS C 203 20.83 20.43 17.16
CA LYS C 203 21.27 21.49 18.05
C LYS C 203 22.64 21.27 18.68
N GLU C 204 23.07 20.02 18.80
CA GLU C 204 24.38 19.74 19.35
C GLU C 204 25.45 19.88 18.26
N GLU C 205 25.02 20.36 17.09
CA GLU C 205 25.89 20.56 15.94
C GLU C 205 26.44 19.25 15.39
N LYS C 206 25.72 18.16 15.60
CA LYS C 206 26.15 16.86 15.12
C LYS C 206 25.35 16.46 13.89
N THR C 207 26.05 15.93 12.88
CA THR C 207 25.39 15.46 11.67
C THR C 207 24.95 14.02 11.96
N PRO C 208 24.08 13.46 11.12
CA PRO C 208 23.63 12.07 11.36
C PRO C 208 24.84 11.13 11.40
N LEU C 209 25.88 11.49 10.64
CA LEU C 209 27.09 10.69 10.58
C LEU C 209 27.78 10.70 11.94
N GLN C 210 27.80 11.87 12.58
CA GLN C 210 28.44 12.03 13.87
C GLN C 210 27.69 11.34 15.01
N VAL C 211 26.48 10.89 14.73
CA VAL C 211 25.69 10.25 15.76
C VAL C 211 25.59 8.75 15.50
N ALA C 212 25.90 8.36 14.26
CA ALA C 212 25.85 6.96 13.84
C ALA C 212 26.70 6.10 14.78
N LYS C 213 26.14 4.96 15.20
CA LYS C 213 26.82 4.07 16.12
C LYS C 213 28.07 3.39 15.57
N GLY C 214 27.94 2.16 15.10
CA GLY C 214 29.09 1.45 14.58
C GLY C 214 29.70 2.13 13.38
N GLY C 215 30.18 1.35 12.43
CA GLY C 215 30.77 1.93 11.23
C GLY C 215 29.65 2.36 10.29
N LEU C 216 28.48 2.60 10.87
CA LEU C 216 27.31 3.00 10.10
C LEU C 216 27.59 4.25 9.28
N GLY C 217 28.10 5.28 9.94
CA GLY C 217 28.41 6.53 9.25
C GLY C 217 29.18 6.31 7.97
N LEU C 218 30.31 5.62 8.05
CA LEU C 218 31.12 5.35 6.88
C LEU C 218 30.31 4.67 5.78
N ILE C 219 29.32 3.89 6.17
CA ILE C 219 28.47 3.19 5.22
C ILE C 219 27.49 4.21 4.61
N LEU C 220 26.95 5.10 5.44
CA LEU C 220 26.02 6.10 4.95
C LEU C 220 26.73 7.09 4.01
N LYS C 221 27.95 7.45 4.38
CA LYS C 221 28.74 8.39 3.58
C LYS C 221 28.90 7.82 2.17
N ARG C 222 29.25 6.54 2.09
CA ARG C 222 29.42 5.89 0.80
C ARG C 222 28.11 5.90 0.01
N LEU C 223 26.99 5.60 0.67
CA LEU C 223 25.70 5.57 0.00
C LEU C 223 25.27 6.95 -0.49
N ALA C 224 25.42 7.96 0.35
CA ALA C 224 25.04 9.32 0.01
C ALA C 224 25.83 9.86 -1.19
N GLU C 225 27.11 9.53 -1.27
CA GLU C 225 27.96 10.00 -2.35
C GLU C 225 28.00 9.01 -3.53
N GLY C 226 27.00 8.13 -3.60
CA GLY C 226 26.93 7.16 -4.68
C GLY C 226 26.77 7.81 -6.04
N GLU C 227 26.24 9.03 -6.03
CA GLU C 227 26.04 9.82 -7.25
C GLU C 227 27.38 10.39 -7.71
N GLU C 228 28.45 9.86 -7.12
CA GLU C 228 29.84 10.27 -7.31
C GLU C 228 30.11 11.63 -6.69
N ALA C 229 30.05 11.70 -5.37
CA ALA C 229 30.32 12.95 -4.60
C ALA C 229 29.44 14.17 -4.82
N MET D 1 20.87 9.44 29.53
CA MET D 1 20.67 8.12 28.86
C MET D 1 20.11 8.32 27.45
N ASP D 2 20.52 7.44 26.54
CA ASP D 2 20.05 7.51 25.16
C ASP D 2 18.60 7.08 25.06
N ARG D 3 17.84 7.83 24.27
CA ARG D 3 16.42 7.59 24.04
C ARG D 3 16.03 6.11 24.10
N ARG D 4 16.88 5.25 23.56
CA ARG D 4 16.65 3.81 23.53
C ARG D 4 16.51 3.24 24.95
N GLN D 5 17.55 3.41 25.77
CA GLN D 5 17.52 2.94 27.14
C GLN D 5 16.34 3.58 27.85
N LYS D 6 16.05 4.83 27.49
CA LYS D 6 14.94 5.55 28.08
C LYS D 6 13.63 4.80 27.80
N ARG D 7 13.47 4.36 26.56
CA ARG D 7 12.28 3.63 26.15
C ARG D 7 12.23 2.30 26.91
N LEU D 8 13.38 1.65 27.05
CA LEU D 8 13.43 0.37 27.76
C LEU D 8 13.13 0.47 29.25
N ILE D 9 13.47 1.59 29.86
CA ILE D 9 13.19 1.76 31.28
C ILE D 9 11.70 1.97 31.47
N PHE D 10 11.09 2.69 30.53
CA PHE D 10 9.67 2.98 30.59
C PHE D 10 8.84 1.71 30.42
N SER D 11 9.19 0.90 29.41
CA SER D 11 8.45 -0.34 29.17
C SER D 11 8.60 -1.30 30.35
N THR D 12 9.81 -1.40 30.88
CA THR D 12 10.06 -2.27 32.03
C THR D 12 9.12 -1.93 33.18
N ILE D 13 9.21 -0.71 33.67
CA ILE D 13 8.37 -0.27 34.79
C ILE D 13 6.86 -0.39 34.50
N THR D 14 6.45 0.02 33.31
CA THR D 14 5.03 -0.02 32.97
C THR D 14 4.52 -1.42 32.68
N SER D 15 5.42 -2.38 32.62
CA SER D 15 4.96 -3.75 32.38
C SER D 15 4.20 -4.21 33.62
N LYS D 16 4.63 -3.72 34.78
CA LYS D 16 4.00 -4.08 36.05
C LYS D 16 2.77 -3.22 36.31
N MET D 17 2.36 -2.46 35.30
CA MET D 17 1.20 -1.58 35.41
C MET D 17 0.09 -1.97 34.43
N ASN D 18 -1.06 -1.34 34.58
CA ASN D 18 -2.20 -1.64 33.72
C ASN D 18 -2.64 -0.41 32.93
N LEU D 19 -2.08 -0.24 31.74
CA LEU D 19 -2.39 0.90 30.89
C LEU D 19 -3.41 0.58 29.81
N SER D 20 -4.02 1.62 29.26
CA SER D 20 -4.99 1.47 28.19
C SER D 20 -4.18 1.25 26.91
N GLU D 21 -4.78 0.57 25.93
CA GLU D 21 -4.09 0.29 24.69
C GLU D 21 -3.60 1.53 23.91
N GLU D 22 -4.43 2.57 23.84
CA GLU D 22 -4.08 3.79 23.12
C GLU D 22 -2.80 4.48 23.60
N VAL D 23 -2.45 4.29 24.86
CA VAL D 23 -1.25 4.93 25.40
C VAL D 23 -0.01 4.55 24.59
N ASP D 24 0.86 5.52 24.37
CA ASP D 24 2.10 5.29 23.65
C ASP D 24 3.20 6.06 24.37
N LEU D 25 4.03 5.32 25.09
CA LEU D 25 5.10 5.91 25.86
C LEU D 25 6.08 6.73 25.01
N GLU D 26 6.11 6.47 23.71
CA GLU D 26 7.02 7.18 22.82
C GLU D 26 6.82 8.70 22.88
N ASP D 27 5.61 9.13 23.23
CA ASP D 27 5.33 10.56 23.36
C ASP D 27 6.25 11.16 24.44
N TYR D 28 6.49 10.37 25.49
CA TYR D 28 7.33 10.84 26.59
C TYR D 28 8.79 10.49 26.37
N VAL D 29 9.03 9.35 25.75
CA VAL D 29 10.39 8.94 25.45
C VAL D 29 11.07 9.95 24.53
N ALA D 30 10.29 10.56 23.64
CA ALA D 30 10.83 11.52 22.67
C ALA D 30 11.06 12.93 23.21
N ARG D 31 10.66 13.20 24.44
CA ARG D 31 10.86 14.52 25.04
C ARG D 31 12.36 14.83 25.08
N PRO D 32 12.73 16.12 24.98
CA PRO D 32 14.14 16.51 25.01
C PRO D 32 14.77 16.39 26.40
N ASP D 33 13.96 16.57 27.44
CA ASP D 33 14.41 16.48 28.82
C ASP D 33 15.34 15.31 29.10
N LYS D 34 16.47 15.61 29.72
CA LYS D 34 17.45 14.58 30.05
C LYS D 34 17.20 14.03 31.45
N ILE D 35 16.06 13.35 31.64
CA ILE D 35 15.71 12.80 32.94
C ILE D 35 16.48 11.51 33.24
N SER D 36 16.28 10.95 34.43
CA SER D 36 16.96 9.73 34.84
C SER D 36 15.98 8.61 35.10
N GLY D 37 16.51 7.43 35.41
CA GLY D 37 15.66 6.28 35.69
C GLY D 37 14.78 6.59 36.89
N ALA D 38 15.34 7.33 37.85
CA ALA D 38 14.59 7.70 39.03
C ALA D 38 13.38 8.52 38.58
N ASP D 39 13.64 9.51 37.72
CA ASP D 39 12.57 10.36 37.23
C ASP D 39 11.50 9.51 36.54
N ILE D 40 11.93 8.59 35.69
CA ILE D 40 11.01 7.73 34.97
C ILE D 40 10.15 6.89 35.90
N ASN D 41 10.76 6.33 36.93
CA ASN D 41 9.99 5.52 37.87
C ASN D 41 8.98 6.43 38.56
N SER D 42 9.43 7.63 38.92
CA SER D 42 8.56 8.59 39.57
C SER D 42 7.35 8.87 38.69
N ILE D 43 7.59 9.16 37.42
CA ILE D 43 6.51 9.43 36.49
C ILE D 43 5.51 8.28 36.50
N CYS D 44 5.99 7.09 36.15
CA CYS D 44 5.11 5.93 36.12
C CYS D 44 4.28 5.83 37.39
N GLN D 45 4.92 5.97 38.54
CA GLN D 45 4.22 5.88 39.80
C GLN D 45 3.18 6.99 39.98
N GLU D 46 3.55 8.23 39.62
CA GLU D 46 2.62 9.34 39.76
C GLU D 46 1.39 9.11 38.89
N SER D 47 1.61 8.54 37.70
CA SER D 47 0.50 8.25 36.80
C SER D 47 -0.42 7.24 37.45
N GLY D 48 0.19 6.23 38.08
CA GLY D 48 -0.59 5.22 38.75
C GLY D 48 -1.52 5.88 39.75
N MET D 49 -0.94 6.73 40.60
CA MET D 49 -1.69 7.44 41.61
C MET D 49 -2.81 8.26 40.98
N LEU D 50 -2.52 8.94 39.88
CA LEU D 50 -3.52 9.75 39.21
C LEU D 50 -4.72 8.88 38.86
N ALA D 51 -4.45 7.73 38.24
CA ALA D 51 -5.53 6.82 37.87
C ALA D 51 -6.36 6.52 39.11
N VAL D 52 -5.69 6.30 40.22
CA VAL D 52 -6.36 6.01 41.49
C VAL D 52 -7.32 7.14 41.88
N ARG D 53 -6.83 8.38 41.87
CA ARG D 53 -7.64 9.53 42.23
C ARG D 53 -8.95 9.59 41.46
N GLU D 54 -9.05 8.83 40.38
CA GLU D 54 -10.27 8.80 39.59
C GLU D 54 -10.91 7.43 39.74
N ASN D 55 -10.47 6.68 40.74
CA ASN D 55 -10.97 5.34 41.02
C ASN D 55 -11.05 4.56 39.71
N ARG D 56 -9.97 4.66 38.95
CA ARG D 56 -9.83 4.02 37.64
C ARG D 56 -8.62 3.08 37.68
N TYR D 57 -8.79 1.82 37.27
CA TYR D 57 -7.67 0.87 37.31
C TYR D 57 -6.81 0.87 36.05
N ILE D 58 -7.28 1.55 35.01
CA ILE D 58 -6.52 1.65 33.76
C ILE D 58 -5.82 3.01 33.78
N VAL D 59 -4.54 3.04 33.44
CA VAL D 59 -3.80 4.30 33.41
C VAL D 59 -3.98 4.90 32.02
N LEU D 60 -4.40 6.17 31.99
CA LEU D 60 -4.66 6.86 30.74
C LEU D 60 -3.52 7.79 30.31
N ALA D 61 -3.61 8.27 29.07
CA ALA D 61 -2.60 9.17 28.52
C ALA D 61 -2.49 10.43 29.37
N LYS D 62 -3.62 10.97 29.79
CA LYS D 62 -3.66 12.17 30.60
C LYS D 62 -2.85 11.97 31.89
N ASP D 63 -2.93 10.77 32.45
CA ASP D 63 -2.19 10.51 33.68
C ASP D 63 -0.68 10.67 33.47
N PHE D 64 -0.17 10.18 32.34
CA PHE D 64 1.26 10.32 32.07
C PHE D 64 1.65 11.77 31.84
N GLU D 65 0.81 12.49 31.09
CA GLU D 65 1.06 13.89 30.81
C GLU D 65 1.22 14.70 32.09
N LYS D 66 0.17 14.70 32.91
CA LYS D 66 0.20 15.43 34.17
C LYS D 66 1.41 14.98 34.97
N ALA D 67 1.59 13.67 35.05
CA ALA D 67 2.72 13.11 35.78
C ALA D 67 4.04 13.70 35.28
N TYR D 68 4.25 13.68 33.97
CA TYR D 68 5.48 14.21 33.38
C TYR D 68 5.72 15.66 33.80
N LYS D 69 4.68 16.48 33.74
CA LYS D 69 4.78 17.89 34.12
C LYS D 69 5.11 17.97 35.60
N THR D 70 4.51 17.07 36.37
CA THR D 70 4.71 17.00 37.81
C THR D 70 6.14 16.61 38.19
N VAL D 71 6.67 15.57 37.55
CA VAL D 71 8.01 15.10 37.86
C VAL D 71 9.13 16.01 37.36
N ILE D 72 9.11 16.35 36.07
CA ILE D 72 10.15 17.22 35.50
C ILE D 72 10.12 18.60 36.14
N LYS D 73 10.97 18.78 37.15
CA LYS D 73 11.05 20.03 37.89
C LYS D 73 9.82 20.20 38.79
N1 EPE E . 5.46 6.86 -15.36
C2 EPE E . 4.31 6.40 -16.19
C3 EPE E . 4.55 6.78 -17.67
N4 EPE E . 5.78 6.12 -18.17
C5 EPE E . 6.93 6.61 -17.33
C6 EPE E . 6.69 6.18 -15.87
C7 EPE E . 5.97 6.53 -19.58
C8 EPE E . 7.21 5.89 -20.21
O8 EPE E . 6.82 4.77 -21.01
C9 EPE E . 5.19 6.46 -13.96
C10 EPE E . 6.31 6.90 -13.00
S EPE E . 5.91 6.41 -11.30
O1S EPE E . 4.76 7.09 -10.81
O2S EPE E . 5.91 4.97 -11.23
O3S EPE E . 7.06 6.88 -10.45
#